data_4G9R
#
_entry.id   4G9R
#
_cell.length_a   96.820
_cell.length_b   96.820
_cell.length_c   168.718
_cell.angle_alpha   90.00
_cell.angle_beta   90.00
_cell.angle_gamma   90.00
#
_symmetry.space_group_name_H-M   'P 41 21 2'
#
loop_
_entity.id
_entity.type
_entity.pdbx_description
1 polymer 'Serine/threonine-protein kinase B-raf'
2 non-polymer 3-(2-cyanopropan-2-yl)-N-{4-methyl-3-[(3-methyl-4-oxo-3,4-dihydroquinazolin-6-yl)amino]phenyl}benzamide
#
_entity_poly.entity_id   1
_entity_poly.type   'polypeptide(L)'
_entity_poly.pdbx_seq_one_letter_code
;MDRGSHHHHHHGSEDRNRMKTLGRRDSSDDWEIPDGQITVGQRIGSGSFGTVYKGKWHGDVAVKMLNVTAPTPQQLQAFK
NEVGVLRKTRHVNILLFMGYSTKPQLAIVTQWCEGSSLYHHLHIIETKFEMIKLIDIARQTAQGMDYLHAKSIIHRDLKS
NNIFLHEDLTVKIGDFGLATEKSRWSGSHQFEQLSGSILWMAPEVIRMQDKNPYSFQSDVYAFGIVLYELMTGQLPYSNI
NNRDQIIFMVGRGYLSPDLSKVRSNCPKAMKRLMAECLKKKRDERPLFPQILASIELLARSLPKIHR
;
_entity_poly.pdbx_strand_id   A,B
#
loop_
_chem_comp.id
_chem_comp.type
_chem_comp.name
_chem_comp.formula
B1E non-polymer 3-(2-cyanopropan-2-yl)-N-{4-methyl-3-[(3-methyl-4-oxo-3,4-dihydroquinazolin-6-yl)amino]phenyl}benzamide 'C27 H25 N5 O2'
#
# COMPACT_ATOMS: atom_id res chain seq x y z
N ASP A 29 5.74 11.04 -15.37
CA ASP A 29 5.62 11.08 -13.89
C ASP A 29 6.81 11.78 -13.23
N ASP A 30 6.56 12.53 -12.14
CA ASP A 30 7.65 13.09 -11.35
C ASP A 30 7.41 13.02 -9.83
N TRP A 31 8.35 12.36 -9.15
CA TRP A 31 8.18 11.97 -7.74
C TRP A 31 9.21 12.59 -6.81
N GLU A 32 9.82 13.69 -7.22
CA GLU A 32 10.83 14.33 -6.39
C GLU A 32 10.20 15.17 -5.28
N ILE A 33 10.61 14.88 -4.06
CA ILE A 33 10.17 15.61 -2.88
C ILE A 33 11.17 16.71 -2.56
N PRO A 34 10.74 17.98 -2.68
CA PRO A 34 11.57 19.15 -2.37
C PRO A 34 12.15 19.11 -0.97
N ASP A 35 13.30 19.74 -0.80
CA ASP A 35 14.01 19.72 0.47
C ASP A 35 13.24 20.44 1.57
N GLY A 36 13.29 19.88 2.78
CA GLY A 36 12.66 20.50 3.93
C GLY A 36 11.28 19.95 4.24
N GLN A 37 10.65 19.32 3.25
CA GLN A 37 9.32 18.75 3.41
C GLN A 37 9.29 17.57 4.39
N ILE A 38 10.33 16.76 4.35
CA ILE A 38 10.40 15.56 5.18
C ILE A 38 11.06 15.88 6.50
N THR A 39 10.39 15.50 7.59
CA THR A 39 10.95 15.66 8.93
C THR A 39 11.66 14.37 9.31
N VAL A 40 12.99 14.41 9.31
CA VAL A 40 13.79 13.23 9.66
C VAL A 40 13.67 12.98 11.16
N GLY A 41 12.97 11.90 11.49
CA GLY A 41 12.79 11.50 12.88
C GLY A 41 13.92 10.63 13.35
N GLN A 42 13.57 9.54 14.03
CA GLN A 42 14.56 8.71 14.70
C GLN A 42 15.32 7.77 13.75
N ARG A 43 16.63 7.70 13.95
CA ARG A 43 17.49 6.79 13.20
C ARG A 43 17.07 5.35 13.44
N ILE A 44 17.11 4.53 12.40
CA ILE A 44 16.81 3.12 12.53
C ILE A 44 18.09 2.31 12.39
N GLY A 45 18.53 2.08 11.15
CA GLY A 45 19.74 1.32 10.89
C GLY A 45 20.70 2.04 9.97
N SER A 46 21.99 1.71 10.10
CA SER A 46 23.03 2.28 9.24
C SER A 46 23.86 1.14 8.67
N GLY A 47 24.30 1.31 7.43
CA GLY A 47 25.18 0.35 6.77
C GLY A 47 26.12 1.06 5.83
N SER A 48 26.95 0.29 5.13
CA SER A 48 27.90 0.86 4.16
C SER A 48 27.19 1.67 3.08
N PHE A 49 26.00 1.22 2.68
CA PHE A 49 25.27 1.83 1.57
C PHE A 49 23.92 2.42 1.98
N GLY A 50 23.95 3.28 2.99
CA GLY A 50 22.78 4.05 3.37
C GLY A 50 22.43 3.98 4.83
N THR A 51 21.82 5.06 5.32
CA THR A 51 21.28 5.15 6.68
C THR A 51 19.78 5.39 6.59
N VAL A 52 19.02 4.66 7.40
CA VAL A 52 17.55 4.73 7.38
C VAL A 52 17.02 5.49 8.60
N TYR A 53 16.03 6.34 8.36
CA TYR A 53 15.35 7.06 9.44
C TYR A 53 13.85 6.89 9.32
N LYS A 54 13.15 6.91 10.46
CA LYS A 54 11.70 7.06 10.44
C LYS A 54 11.44 8.55 10.25
N GLY A 55 10.35 8.90 9.56
CA GLY A 55 10.10 10.30 9.26
C GLY A 55 8.64 10.71 9.14
N LYS A 56 8.44 12.01 8.96
CA LYS A 56 7.13 12.56 8.71
C LYS A 56 7.08 13.16 7.31
N TRP A 57 6.15 12.68 6.49
CA TRP A 57 5.86 13.26 5.18
C TRP A 57 4.47 12.82 4.72
N HIS A 58 3.49 13.67 4.97
CA HIS A 58 2.05 13.36 4.79
C HIS A 58 1.68 12.07 5.52
N GLY A 59 2.15 11.94 6.75
CA GLY A 59 2.04 10.71 7.53
C GLY A 59 3.42 10.14 7.76
N ASP A 60 3.49 8.98 8.41
CA ASP A 60 4.76 8.32 8.67
C ASP A 60 5.40 7.85 7.37
N VAL A 61 6.73 7.92 7.31
CA VAL A 61 7.48 7.38 6.18
C VAL A 61 8.80 6.77 6.65
N ALA A 62 9.44 6.03 5.75
CA ALA A 62 10.80 5.57 5.97
C ALA A 62 11.72 6.30 5.00
N VAL A 63 12.84 6.80 5.51
CA VAL A 63 13.78 7.56 4.67
C VAL A 63 15.20 6.98 4.69
N LYS A 64 15.62 6.47 3.54
CA LYS A 64 16.95 5.91 3.35
C LYS A 64 17.78 6.92 2.59
N MET A 65 18.87 7.37 3.20
CA MET A 65 19.77 8.29 2.51
C MET A 65 21.13 7.66 2.25
N LEU A 66 21.59 7.82 1.02
CA LEU A 66 22.69 7.02 0.51
C LEU A 66 24.06 7.69 0.59
N ASN A 67 24.10 8.93 1.08
CA ASN A 67 25.36 9.64 1.30
C ASN A 67 25.28 10.68 2.42
N VAL A 68 26.43 11.14 2.87
CA VAL A 68 26.49 12.19 3.89
C VAL A 68 27.14 13.45 3.30
N THR A 69 28.18 13.28 2.49
CA THR A 69 28.89 14.44 1.92
C THR A 69 28.92 14.42 0.40
N ALA A 70 30.01 13.90 -0.16
CA ALA A 70 30.22 13.87 -1.61
C ALA A 70 29.49 12.68 -2.25
N PRO A 71 28.50 12.98 -3.12
CA PRO A 71 27.87 11.90 -3.89
C PRO A 71 28.78 11.39 -5.00
N THR A 72 29.16 10.12 -4.91
CA THR A 72 30.03 9.46 -5.90
C THR A 72 29.25 9.23 -7.19
N PRO A 73 29.91 9.38 -8.36
CA PRO A 73 29.32 8.93 -9.62
C PRO A 73 28.68 7.53 -9.50
N GLN A 74 29.35 6.60 -8.82
CA GLN A 74 28.76 5.27 -8.52
C GLN A 74 27.49 5.39 -7.69
N GLN A 75 27.58 6.12 -6.58
CA GLN A 75 26.42 6.36 -5.71
C GLN A 75 25.27 6.97 -6.48
N LEU A 76 25.57 8.01 -7.27
CA LEU A 76 24.59 8.70 -8.07
C LEU A 76 23.94 7.79 -9.10
N GLN A 77 24.72 6.88 -9.67
CA GLN A 77 24.19 5.91 -10.63
C GLN A 77 23.32 4.85 -9.95
N ALA A 78 23.78 4.37 -8.80
CA ALA A 78 23.06 3.36 -8.01
C ALA A 78 21.80 3.94 -7.38
N PHE A 79 21.81 5.25 -7.14
CA PHE A 79 20.63 5.95 -6.67
C PHE A 79 19.57 5.95 -7.77
N LYS A 80 19.99 6.26 -8.98
CA LYS A 80 19.07 6.26 -10.12
C LYS A 80 18.55 4.86 -10.43
N ASN A 81 19.43 3.86 -10.33
CA ASN A 81 19.01 2.47 -10.53
C ASN A 81 17.93 2.04 -9.57
N GLU A 82 18.16 2.27 -8.27
CA GLU A 82 17.23 1.86 -7.21
C GLU A 82 15.87 2.52 -7.32
N VAL A 83 15.86 3.84 -7.45
CA VAL A 83 14.62 4.59 -7.69
C VAL A 83 13.91 4.02 -8.92
N GLY A 84 14.65 3.92 -10.03
CA GLY A 84 14.13 3.42 -11.30
C GLY A 84 13.45 2.08 -11.20
N VAL A 85 14.08 1.16 -10.47
CA VAL A 85 13.52 -0.18 -10.23
C VAL A 85 12.27 -0.07 -9.33
N LEU A 86 12.38 0.68 -8.25
CA LEU A 86 11.31 0.82 -7.28
C LEU A 86 10.02 1.38 -7.89
N ARG A 87 10.15 2.37 -8.76
CA ARG A 87 8.96 3.02 -9.35
C ARG A 87 8.27 2.21 -10.45
N LYS A 88 8.79 1.01 -10.73
CA LYS A 88 8.16 0.07 -11.65
C LYS A 88 7.13 -0.77 -10.89
N THR A 89 7.12 -0.62 -9.57
CA THR A 89 6.35 -1.50 -8.70
C THR A 89 5.13 -0.81 -8.07
N ARG A 90 3.97 -1.42 -8.25
CA ARG A 90 2.73 -1.04 -7.57
C ARG A 90 1.99 -2.32 -7.20
N HIS A 91 2.27 -2.84 -6.01
CA HIS A 91 1.68 -4.09 -5.53
C HIS A 91 1.71 -4.20 -4.01
N VAL A 92 0.57 -4.57 -3.42
CA VAL A 92 0.42 -4.63 -1.95
C VAL A 92 1.56 -5.38 -1.24
N ASN A 93 2.07 -6.42 -1.87
CA ASN A 93 3.13 -7.24 -1.28
C ASN A 93 4.55 -6.76 -1.54
N ILE A 94 4.69 -5.60 -2.19
CA ILE A 94 5.99 -4.95 -2.33
C ILE A 94 5.97 -3.61 -1.61
N LEU A 95 7.07 -3.29 -0.94
CA LEU A 95 7.24 -2.02 -0.24
C LEU A 95 6.84 -0.84 -1.12
N LEU A 96 5.98 0.02 -0.61
CA LEU A 96 5.50 1.14 -1.39
C LEU A 96 6.54 2.25 -1.48
N PHE A 97 7.04 2.48 -2.68
CA PHE A 97 7.87 3.64 -2.97
C PHE A 97 6.97 4.88 -2.95
N MET A 98 7.46 5.98 -2.38
CA MET A 98 6.65 7.18 -2.31
C MET A 98 7.31 8.40 -2.94
N GLY A 99 8.63 8.45 -2.89
CA GLY A 99 9.36 9.56 -3.49
C GLY A 99 10.85 9.46 -3.29
N TYR A 100 11.56 10.39 -3.91
CA TYR A 100 13.01 10.50 -3.76
C TYR A 100 13.40 11.95 -3.54
N SER A 101 14.61 12.15 -3.04
CA SER A 101 15.12 13.49 -2.78
C SER A 101 16.61 13.54 -3.17
N THR A 102 17.03 14.63 -3.80
CA THR A 102 18.45 14.77 -4.18
C THR A 102 19.15 15.82 -3.32
N LYS A 103 18.48 16.95 -3.10
CA LYS A 103 18.96 17.97 -2.17
C LYS A 103 18.36 17.71 -0.78
N PRO A 104 19.18 17.72 0.28
CA PRO A 104 20.61 18.02 0.37
C PRO A 104 21.51 16.79 0.19
N GLN A 105 20.87 15.63 0.15
CA GLN A 105 21.56 14.34 0.08
C GLN A 105 20.63 13.33 -0.59
N LEU A 106 21.23 12.38 -1.31
CA LEU A 106 20.45 11.42 -2.09
C LEU A 106 19.63 10.52 -1.16
N ALA A 107 18.31 10.59 -1.30
CA ALA A 107 17.39 9.91 -0.39
C ALA A 107 16.21 9.25 -1.10
N ILE A 108 15.77 8.12 -0.58
CA ILE A 108 14.60 7.41 -1.10
C ILE A 108 13.56 7.26 0.00
N VAL A 109 12.35 7.74 -0.28
CA VAL A 109 11.27 7.69 0.70
C VAL A 109 10.28 6.59 0.35
N THR A 110 10.02 5.72 1.32
CA THR A 110 8.99 4.70 1.17
C THR A 110 8.00 4.76 2.34
N GLN A 111 6.95 3.95 2.24
CA GLN A 111 6.00 3.79 3.33
C GLN A 111 6.72 3.34 4.60
N TRP A 112 6.18 3.70 5.76
CA TRP A 112 6.73 3.19 7.01
C TRP A 112 6.11 1.83 7.30
N CYS A 113 6.94 0.89 7.77
CA CYS A 113 6.45 -0.45 8.06
C CYS A 113 6.38 -0.71 9.55
N GLU A 114 5.15 -0.96 10.00
CA GLU A 114 4.88 -1.24 11.39
C GLU A 114 4.98 -2.76 11.63
N GLY A 115 5.88 -3.16 12.54
CA GLY A 115 6.02 -4.57 12.90
C GLY A 115 7.45 -5.09 12.96
N SER A 116 7.66 -6.27 12.38
CA SER A 116 8.96 -6.94 12.36
C SER A 116 9.14 -7.73 11.08
N SER A 117 10.39 -7.89 10.65
CA SER A 117 10.71 -8.76 9.52
C SER A 117 10.42 -10.20 9.89
N LEU A 118 10.26 -11.05 8.88
CA LEU A 118 10.02 -12.48 9.09
C LEU A 118 11.20 -13.16 9.78
N TYR A 119 12.42 -12.70 9.47
CA TYR A 119 13.63 -13.19 10.11
C TYR A 119 13.60 -12.91 11.59
N HIS A 120 13.13 -11.71 11.95
CA HIS A 120 13.07 -11.30 13.34
C HIS A 120 12.07 -12.16 14.11
N HIS A 121 10.89 -12.34 13.52
CA HIS A 121 9.83 -13.14 14.13
C HIS A 121 10.25 -14.57 14.44
N LEU A 122 10.86 -15.23 13.45
CA LEU A 122 11.16 -16.65 13.51
C LEU A 122 12.39 -16.98 14.35
N HIS A 123 13.41 -16.13 14.24
CA HIS A 123 14.73 -16.50 14.72
C HIS A 123 15.21 -15.70 15.92
N ILE A 124 14.42 -14.73 16.35
CA ILE A 124 14.85 -13.87 17.46
C ILE A 124 13.81 -13.89 18.59
N ILE A 125 12.54 -13.80 18.22
CA ILE A 125 11.47 -13.80 19.21
C ILE A 125 10.59 -15.05 19.10
N GLU A 126 10.89 -15.88 18.10
CA GLU A 126 10.26 -17.20 17.92
C GLU A 126 8.73 -17.22 18.02
N THR A 127 8.10 -16.21 17.43
CA THR A 127 6.65 -16.18 17.31
C THR A 127 6.23 -17.54 16.78
N LYS A 128 5.34 -18.21 17.48
CA LYS A 128 4.89 -19.52 17.05
C LYS A 128 3.65 -19.33 16.21
N PHE A 129 3.85 -19.20 14.90
CA PHE A 129 2.73 -19.03 13.97
C PHE A 129 2.06 -20.36 13.77
N GLU A 130 0.77 -20.30 13.45
CA GLU A 130 0.04 -21.50 13.05
C GLU A 130 0.25 -21.79 11.57
N MET A 131 0.03 -23.05 11.20
CA MET A 131 0.23 -23.51 9.84
C MET A 131 -0.54 -22.67 8.82
N ILE A 132 -1.80 -22.36 9.14
CA ILE A 132 -2.61 -21.53 8.26
C ILE A 132 -1.89 -20.21 7.98
N LYS A 133 -1.39 -19.58 9.04
CA LYS A 133 -0.71 -18.30 8.95
C LYS A 133 0.63 -18.41 8.20
N LEU A 134 1.43 -19.43 8.54
CA LEU A 134 2.72 -19.68 7.87
C LEU A 134 2.56 -19.84 6.36
N ILE A 135 1.63 -20.69 5.95
CA ILE A 135 1.31 -20.90 4.54
C ILE A 135 0.86 -19.59 3.87
N ASP A 136 0.09 -18.79 4.61
CA ASP A 136 -0.34 -17.49 4.12
C ASP A 136 0.83 -16.53 3.90
N ILE A 137 1.77 -16.51 4.83
CA ILE A 137 2.99 -15.71 4.69
C ILE A 137 3.74 -16.13 3.42
N ALA A 138 3.87 -17.45 3.24
CA ALA A 138 4.50 -18.03 2.07
C ALA A 138 3.78 -17.62 0.81
N ARG A 139 2.45 -17.59 0.90
CA ARG A 139 1.57 -17.24 -0.22
C ARG A 139 1.76 -15.78 -0.65
N GLN A 140 1.74 -14.89 0.32
CA GLN A 140 1.90 -13.46 0.06
C GLN A 140 3.28 -13.13 -0.49
N THR A 141 4.28 -13.87 -0.05
CA THR A 141 5.64 -13.69 -0.55
C THR A 141 5.69 -14.12 -2.01
N ALA A 142 5.17 -15.31 -2.30
CA ALA A 142 5.09 -15.82 -3.65
C ALA A 142 4.27 -14.90 -4.55
N GLN A 143 3.26 -14.25 -3.96
CA GLN A 143 2.42 -13.31 -4.69
C GLN A 143 3.20 -12.10 -5.17
N GLY A 144 4.06 -11.58 -4.30
CA GLY A 144 4.91 -10.44 -4.59
C GLY A 144 6.05 -10.79 -5.52
N MET A 145 6.72 -11.89 -5.23
CA MET A 145 7.79 -12.38 -6.09
C MET A 145 7.28 -12.57 -7.50
N ASP A 146 6.11 -13.20 -7.62
CA ASP A 146 5.42 -13.34 -8.90
C ASP A 146 5.36 -12.00 -9.65
N TYR A 147 4.85 -10.99 -8.96
CA TYR A 147 4.78 -9.63 -9.48
C TYR A 147 6.14 -9.13 -9.96
N LEU A 148 7.15 -9.19 -9.09
CA LEU A 148 8.47 -8.66 -9.41
C LEU A 148 9.02 -9.28 -10.68
N HIS A 149 8.97 -10.61 -10.73
CA HIS A 149 9.42 -11.36 -11.89
C HIS A 149 8.62 -11.00 -13.13
N ALA A 150 7.31 -10.91 -12.99
CA ALA A 150 6.45 -10.47 -14.07
C ALA A 150 6.89 -9.11 -14.58
N LYS A 151 7.35 -8.26 -13.67
CA LYS A 151 7.78 -6.91 -14.04
C LYS A 151 9.25 -6.87 -14.46
N SER A 152 9.79 -8.02 -14.87
CA SER A 152 11.21 -8.18 -15.26
C SER A 152 12.21 -7.72 -14.20
N ILE A 153 11.91 -8.03 -12.93
CA ILE A 153 12.74 -7.62 -11.83
C ILE A 153 13.23 -8.85 -11.07
N ILE A 154 14.55 -8.95 -10.95
CA ILE A 154 15.18 -10.01 -10.16
C ILE A 154 15.63 -9.43 -8.84
N HIS A 155 15.16 -10.01 -7.74
CA HIS A 155 15.44 -9.48 -6.41
C HIS A 155 16.91 -9.57 -6.01
N ARG A 156 17.54 -10.73 -6.23
CA ARG A 156 18.97 -10.93 -5.99
C ARG A 156 19.38 -11.10 -4.52
N ASP A 157 18.46 -10.84 -3.60
CA ASP A 157 18.74 -10.97 -2.16
C ASP A 157 17.48 -11.19 -1.35
N LEU A 158 16.69 -12.17 -1.76
CA LEU A 158 15.53 -12.57 -0.98
C LEU A 158 15.99 -13.31 0.26
N LYS A 159 15.29 -13.07 1.36
CA LYS A 159 15.54 -13.72 2.63
C LYS A 159 14.51 -13.24 3.62
N SER A 160 14.28 -14.03 4.67
CA SER A 160 13.28 -13.69 5.67
C SER A 160 13.48 -12.28 6.25
N ASN A 161 14.68 -11.73 6.12
CA ASN A 161 14.96 -10.36 6.53
C ASN A 161 14.27 -9.31 5.67
N ASN A 162 14.11 -9.61 4.39
CA ASN A 162 13.47 -8.70 3.45
C ASN A 162 12.00 -9.00 3.26
N ILE A 163 11.48 -9.90 4.10
CA ILE A 163 10.07 -10.18 4.19
C ILE A 163 9.56 -9.46 5.43
N PHE A 164 8.91 -8.32 5.24
CA PHE A 164 8.38 -7.58 6.37
C PHE A 164 6.93 -7.92 6.64
N LEU A 165 6.65 -8.44 7.83
CA LEU A 165 5.28 -8.68 8.27
C LEU A 165 4.65 -7.39 8.77
N HIS A 166 4.20 -6.57 7.81
CA HIS A 166 3.59 -5.28 8.10
C HIS A 166 2.24 -5.48 8.74
N GLU A 167 2.08 -4.90 9.92
CA GLU A 167 0.84 -5.01 10.69
C GLU A 167 0.56 -6.47 11.08
N ASP A 168 1.60 -7.30 10.99
CA ASP A 168 1.52 -8.75 11.22
C ASP A 168 0.64 -9.49 10.19
N LEU A 169 -0.03 -8.74 9.32
CA LEU A 169 -1.03 -9.32 8.42
C LEU A 169 -0.65 -9.29 6.92
N THR A 170 0.11 -8.29 6.51
CA THR A 170 0.46 -8.17 5.10
C THR A 170 1.96 -8.19 4.90
N VAL A 171 2.42 -9.14 4.09
CA VAL A 171 3.84 -9.26 3.74
C VAL A 171 4.24 -8.17 2.74
N LYS A 172 5.27 -7.41 3.10
CA LYS A 172 5.86 -6.45 2.19
C LYS A 172 7.27 -6.93 1.87
N ILE A 173 7.53 -7.16 0.59
CA ILE A 173 8.87 -7.52 0.14
C ILE A 173 9.62 -6.26 -0.29
N GLY A 174 10.79 -6.05 0.30
CA GLY A 174 11.68 -4.98 -0.11
C GLY A 174 13.11 -5.47 -0.07
N ASP A 175 14.04 -4.54 -0.15
CA ASP A 175 15.45 -4.84 0.11
C ASP A 175 15.94 -3.90 1.19
N PHE A 176 15.82 -4.35 2.43
CA PHE A 176 16.18 -3.55 3.60
C PHE A 176 17.67 -3.65 3.90
N GLY A 177 18.39 -4.39 3.06
CA GLY A 177 19.83 -4.53 3.18
C GLY A 177 20.57 -3.21 3.03
N LEU A 178 21.58 -3.02 3.85
CA LEU A 178 22.38 -1.80 3.79
C LEU A 178 23.84 -2.08 3.40
N ALA A 179 24.22 -3.35 3.48
CA ALA A 179 25.60 -3.78 3.19
C ALA A 179 25.91 -3.84 1.69
N THR A 180 24.90 -4.16 0.87
CA THR A 180 25.08 -4.31 -0.57
C THR A 180 24.71 -3.03 -1.33
N GLU A 181 25.29 -2.85 -2.52
CA GLU A 181 25.10 -1.61 -3.30
C GLU A 181 24.01 -1.74 -4.37
N LYS A 182 22.74 -1.69 -3.93
CA LYS A 182 21.59 -1.90 -4.83
C LYS A 182 21.68 -1.18 -6.19
N SER A 183 22.45 -1.77 -7.11
CA SER A 183 22.61 -1.26 -8.47
C SER A 183 22.21 -2.35 -9.46
N GLY A 196 27.48 -10.77 1.90
CA GLY A 196 26.29 -11.40 1.36
C GLY A 196 25.64 -12.33 2.37
N SER A 197 24.33 -12.53 2.22
CA SER A 197 23.58 -13.52 2.99
C SER A 197 23.61 -14.88 2.28
N ILE A 198 24.47 -15.75 2.80
CA ILE A 198 24.94 -16.93 2.09
C ILE A 198 23.95 -18.09 2.06
N LEU A 199 23.09 -18.17 3.08
CA LEU A 199 22.20 -19.31 3.28
C LEU A 199 21.15 -19.40 2.19
N TRP A 200 20.74 -18.24 1.69
CA TRP A 200 19.69 -18.15 0.69
C TRP A 200 20.21 -18.24 -0.75
N MET A 201 21.52 -18.32 -0.91
CA MET A 201 22.15 -18.37 -2.23
C MET A 201 22.11 -19.75 -2.89
N ALA A 202 21.71 -19.76 -4.16
CA ALA A 202 21.68 -20.97 -4.97
C ALA A 202 23.10 -21.41 -5.32
N PRO A 203 23.33 -22.75 -5.38
CA PRO A 203 24.62 -23.32 -5.77
C PRO A 203 25.34 -22.62 -6.92
N GLU A 204 24.64 -22.35 -8.03
CA GLU A 204 25.25 -21.71 -9.21
C GLU A 204 25.62 -20.25 -8.97
N VAL A 205 24.98 -19.65 -7.97
CA VAL A 205 25.29 -18.30 -7.53
C VAL A 205 26.44 -18.37 -6.51
N ILE A 206 26.41 -19.37 -5.65
CA ILE A 206 27.48 -19.61 -4.67
C ILE A 206 28.78 -20.07 -5.33
N ARG A 207 28.66 -20.80 -6.44
CA ARG A 207 29.80 -21.12 -7.29
C ARG A 207 30.26 -19.86 -8.03
N MET A 208 30.75 -20.02 -9.25
CA MET A 208 30.99 -18.87 -10.11
C MET A 208 30.81 -19.21 -11.58
N GLN A 209 29.71 -18.71 -12.14
CA GLN A 209 29.47 -18.82 -13.57
C GLN A 209 29.57 -17.45 -14.23
N ASP A 210 30.53 -17.35 -15.15
CA ASP A 210 30.98 -16.09 -15.79
C ASP A 210 30.56 -14.76 -15.13
N LYS A 211 29.48 -14.15 -15.60
CA LYS A 211 29.08 -12.82 -15.11
C LYS A 211 27.76 -12.82 -14.33
N ASN A 212 26.73 -13.44 -14.90
CA ASN A 212 25.37 -13.37 -14.36
C ASN A 212 24.81 -14.74 -14.00
N PRO A 213 24.99 -15.17 -12.74
CA PRO A 213 24.35 -16.39 -12.25
C PRO A 213 22.92 -16.13 -11.84
N TYR A 214 22.55 -14.86 -11.70
CA TYR A 214 21.23 -14.45 -11.22
C TYR A 214 20.13 -14.64 -12.26
N SER A 215 19.05 -15.25 -11.81
CA SER A 215 17.90 -15.56 -12.65
C SER A 215 16.68 -15.63 -11.78
N PHE A 216 15.52 -15.85 -12.40
CA PHE A 216 14.30 -16.05 -11.64
C PHE A 216 14.47 -17.23 -10.69
N GLN A 217 15.17 -18.27 -11.13
CA GLN A 217 15.36 -19.49 -10.35
C GLN A 217 16.35 -19.32 -9.22
N SER A 218 17.25 -18.35 -9.34
CA SER A 218 18.13 -17.98 -8.24
C SER A 218 17.28 -17.37 -7.12
N ASP A 219 16.29 -16.57 -7.51
CA ASP A 219 15.31 -16.04 -6.58
C ASP A 219 14.45 -17.14 -6.01
N VAL A 220 14.06 -18.10 -6.84
CA VAL A 220 13.23 -19.22 -6.41
C VAL A 220 13.90 -20.06 -5.32
N TYR A 221 15.18 -20.37 -5.49
CA TYR A 221 15.92 -21.10 -4.47
C TYR A 221 15.87 -20.38 -3.14
N ALA A 222 16.11 -19.07 -3.16
CA ALA A 222 16.00 -18.24 -1.96
C ALA A 222 14.64 -18.37 -1.32
N PHE A 223 13.60 -18.45 -2.15
CA PHE A 223 12.24 -18.65 -1.66
C PHE A 223 12.10 -20.02 -1.01
N GLY A 224 12.78 -21.00 -1.60
CA GLY A 224 12.83 -22.36 -1.05
C GLY A 224 13.35 -22.38 0.37
N ILE A 225 14.51 -21.76 0.57
CA ILE A 225 15.08 -21.57 1.91
C ILE A 225 14.09 -20.87 2.83
N VAL A 226 13.39 -19.86 2.31
CA VAL A 226 12.39 -19.11 3.06
C VAL A 226 11.22 -20.02 3.47
N LEU A 227 10.82 -20.92 2.58
CA LEU A 227 9.83 -21.93 2.91
C LEU A 227 10.34 -22.83 4.01
N TYR A 228 11.58 -23.30 3.84
CA TYR A 228 12.29 -24.08 4.85
C TYR A 228 12.27 -23.38 6.21
N GLU A 229 12.50 -22.07 6.20
CA GLU A 229 12.46 -21.25 7.41
C GLU A 229 11.11 -21.30 8.10
N LEU A 230 10.05 -21.20 7.32
CA LEU A 230 8.69 -21.23 7.85
C LEU A 230 8.36 -22.60 8.44
N MET A 231 8.80 -23.65 7.77
CA MET A 231 8.45 -25.03 8.13
C MET A 231 9.33 -25.68 9.18
N THR A 232 10.51 -25.13 9.39
CA THR A 232 11.42 -25.66 10.40
C THR A 232 11.62 -24.65 11.51
N GLY A 233 11.16 -23.42 11.27
CA GLY A 233 11.37 -22.31 12.19
C GLY A 233 12.84 -22.08 12.48
N GLN A 234 13.69 -22.57 11.58
CA GLN A 234 15.13 -22.59 11.79
C GLN A 234 15.88 -22.20 10.53
N LEU A 235 17.08 -21.67 10.72
CA LEU A 235 18.02 -21.43 9.61
C LEU A 235 18.64 -22.75 9.15
N PRO A 236 18.96 -22.85 7.86
CA PRO A 236 19.65 -24.03 7.35
C PRO A 236 21.04 -24.14 7.96
N TYR A 237 21.55 -25.37 8.03
CA TYR A 237 22.94 -25.62 8.42
C TYR A 237 23.31 -24.99 9.78
N SER A 238 22.35 -24.94 10.69
CA SER A 238 22.58 -24.37 12.02
C SER A 238 23.65 -25.13 12.81
N ASN A 239 23.96 -26.35 12.39
CA ASN A 239 24.93 -27.21 13.09
C ASN A 239 26.33 -27.15 12.49
N ILE A 240 26.54 -26.25 11.54
CA ILE A 240 27.84 -26.01 10.95
C ILE A 240 28.24 -24.58 11.27
N ASN A 241 29.35 -24.42 12.00
CA ASN A 241 29.77 -23.10 12.46
C ASN A 241 30.87 -22.48 11.62
N ASN A 242 31.02 -22.95 10.38
CA ASN A 242 32.05 -22.45 9.49
C ASN A 242 31.52 -21.98 8.15
N ARG A 243 31.63 -20.68 7.89
CA ARG A 243 31.06 -20.06 6.71
C ARG A 243 31.66 -20.59 5.42
N ASP A 244 32.98 -20.56 5.32
CA ASP A 244 33.68 -20.98 4.10
C ASP A 244 33.22 -22.36 3.64
N GLN A 245 33.18 -23.30 4.59
CA GLN A 245 32.77 -24.66 4.32
C GLN A 245 31.37 -24.74 3.72
N ILE A 246 30.43 -24.02 4.32
CA ILE A 246 29.06 -23.94 3.83
C ILE A 246 29.05 -23.46 2.39
N ILE A 247 29.70 -22.32 2.14
CA ILE A 247 29.82 -21.78 0.80
C ILE A 247 30.31 -22.89 -0.13
N PHE A 248 31.46 -23.47 0.21
CA PHE A 248 32.07 -24.49 -0.63
C PHE A 248 31.17 -25.69 -0.92
N MET A 249 30.48 -26.17 0.12
CA MET A 249 29.67 -27.39 0.02
C MET A 249 28.35 -27.21 -0.70
N VAL A 250 27.65 -26.10 -0.43
CA VAL A 250 26.44 -25.77 -1.17
C VAL A 250 26.75 -25.73 -2.67
N GLY A 251 27.86 -25.07 -3.02
CA GLY A 251 28.33 -24.94 -4.39
C GLY A 251 28.57 -26.27 -5.09
N ARG A 252 29.19 -27.20 -4.38
CA ARG A 252 29.49 -28.51 -4.94
C ARG A 252 28.36 -29.51 -4.69
N GLY A 253 27.30 -29.05 -4.05
CA GLY A 253 26.14 -29.87 -3.76
C GLY A 253 26.41 -31.01 -2.78
N TYR A 254 27.39 -30.81 -1.90
CA TYR A 254 27.69 -31.79 -0.86
C TYR A 254 26.78 -31.56 0.35
N LEU A 255 26.26 -30.34 0.45
CA LEU A 255 25.38 -29.93 1.53
C LEU A 255 24.09 -29.43 0.93
N SER A 256 22.98 -29.68 1.63
CA SER A 256 21.66 -29.18 1.25
C SER A 256 20.76 -29.10 2.46
N PRO A 257 19.74 -28.21 2.44
CA PRO A 257 18.83 -28.14 3.58
C PRO A 257 18.29 -29.51 3.96
N ASP A 258 18.44 -29.86 5.23
CA ASP A 258 17.91 -31.10 5.78
C ASP A 258 16.38 -31.02 5.86
N LEU A 259 15.72 -31.49 4.80
CA LEU A 259 14.27 -31.32 4.64
C LEU A 259 13.45 -32.12 5.64
N SER A 260 14.06 -33.14 6.23
CA SER A 260 13.40 -33.99 7.21
C SER A 260 13.18 -33.26 8.54
N LYS A 261 13.41 -31.96 8.54
CA LYS A 261 13.30 -31.17 9.76
C LYS A 261 11.97 -30.41 9.86
N VAL A 262 11.16 -30.49 8.80
CA VAL A 262 9.88 -29.78 8.75
C VAL A 262 8.97 -30.15 9.93
N ARG A 263 8.27 -29.14 10.46
CA ARG A 263 7.24 -29.37 11.48
C ARG A 263 6.28 -30.43 10.97
N SER A 264 5.94 -31.39 11.84
CA SER A 264 5.10 -32.52 11.47
C SER A 264 3.74 -32.11 10.90
N ASN A 265 3.14 -31.05 11.46
CA ASN A 265 1.84 -30.56 11.00
C ASN A 265 1.85 -29.91 9.60
N CYS A 266 3.05 -29.74 9.04
CA CYS A 266 3.22 -29.21 7.69
C CYS A 266 2.63 -30.16 6.65
N PRO A 267 1.93 -29.62 5.63
CA PRO A 267 1.37 -30.40 4.54
C PRO A 267 2.43 -31.07 3.69
N LYS A 268 2.16 -32.29 3.22
CA LYS A 268 3.11 -33.03 2.39
C LYS A 268 3.31 -32.38 1.02
N ALA A 269 2.27 -31.72 0.51
CA ALA A 269 2.37 -30.99 -0.75
C ALA A 269 3.36 -29.82 -0.64
N MET A 270 3.40 -29.19 0.53
CA MET A 270 4.34 -28.10 0.81
C MET A 270 5.77 -28.60 0.79
N LYS A 271 6.03 -29.66 1.54
CA LYS A 271 7.35 -30.27 1.61
C LYS A 271 7.84 -30.60 0.18
N ARG A 272 6.93 -31.09 -0.65
CA ARG A 272 7.27 -31.47 -2.02
C ARG A 272 7.60 -30.25 -2.87
N LEU A 273 6.81 -29.18 -2.70
CA LEU A 273 7.04 -27.92 -3.40
C LEU A 273 8.36 -27.29 -2.96
N MET A 274 8.65 -27.40 -1.67
CA MET A 274 9.90 -26.92 -1.10
C MET A 274 11.09 -27.55 -1.80
N ALA A 275 11.06 -28.88 -1.95
CA ALA A 275 12.13 -29.61 -2.60
C ALA A 275 12.30 -29.21 -4.06
N GLU A 276 11.19 -28.91 -4.74
CA GLU A 276 11.23 -28.45 -6.13
C GLU A 276 12.00 -27.15 -6.25
N CYS A 277 11.70 -26.22 -5.33
CA CYS A 277 12.33 -24.91 -5.30
C CYS A 277 13.81 -24.97 -4.96
N LEU A 278 14.21 -26.01 -4.24
CA LEU A 278 15.58 -26.14 -3.75
C LEU A 278 16.49 -27.01 -4.61
N LYS A 279 15.99 -27.46 -5.76
CA LYS A 279 16.75 -28.37 -6.63
C LYS A 279 18.09 -27.76 -7.01
N LYS A 280 19.17 -28.53 -6.83
CA LYS A 280 20.53 -28.05 -7.10
C LYS A 280 20.65 -27.53 -8.53
N LYS A 281 20.14 -28.30 -9.48
CA LYS A 281 20.20 -27.94 -10.88
C LYS A 281 19.18 -26.83 -11.15
N ARG A 282 19.71 -25.71 -11.62
CA ARG A 282 18.96 -24.46 -11.81
C ARG A 282 17.68 -24.60 -12.65
N ASP A 283 17.78 -25.30 -13.79
CA ASP A 283 16.67 -25.39 -14.74
C ASP A 283 15.56 -26.33 -14.29
N GLU A 284 15.80 -27.05 -13.20
CA GLU A 284 14.83 -28.01 -12.65
C GLU A 284 13.81 -27.37 -11.69
N ARG A 285 14.02 -26.09 -11.38
CA ARG A 285 13.18 -25.36 -10.42
C ARG A 285 11.91 -24.83 -11.08
N PRO A 286 10.80 -24.71 -10.32
CA PRO A 286 9.59 -24.09 -10.85
C PRO A 286 9.66 -22.56 -10.83
N LEU A 287 8.99 -21.91 -11.79
CA LEU A 287 8.89 -20.46 -11.80
C LEU A 287 7.71 -20.03 -10.94
N PHE A 288 7.59 -18.73 -10.71
CA PHE A 288 6.62 -18.22 -9.73
C PHE A 288 5.13 -18.35 -10.05
N PRO A 289 4.70 -18.15 -11.31
CA PRO A 289 3.30 -18.47 -11.61
C PRO A 289 2.93 -19.89 -11.18
N GLN A 290 3.85 -20.84 -11.37
CA GLN A 290 3.62 -22.23 -10.98
C GLN A 290 3.67 -22.43 -9.47
N ILE A 291 4.63 -21.77 -8.81
CA ILE A 291 4.77 -21.87 -7.36
C ILE A 291 3.51 -21.35 -6.68
N LEU A 292 3.12 -20.14 -7.11
CA LEU A 292 1.94 -19.48 -6.59
C LEU A 292 0.72 -20.39 -6.70
N ALA A 293 0.50 -20.92 -7.90
CA ALA A 293 -0.61 -21.84 -8.16
C ALA A 293 -0.61 -23.00 -7.18
N SER A 294 0.56 -23.60 -7.00
CA SER A 294 0.73 -24.74 -6.11
C SER A 294 0.38 -24.43 -4.66
N ILE A 295 0.85 -23.29 -4.16
CA ILE A 295 0.59 -22.90 -2.76
C ILE A 295 -0.90 -22.70 -2.54
N GLU A 296 -1.56 -22.03 -3.49
CA GLU A 296 -2.97 -21.74 -3.38
C GLU A 296 -3.84 -23.00 -3.34
N LEU A 297 -3.35 -24.06 -3.97
CA LEU A 297 -4.03 -25.36 -3.96
C LEU A 297 -4.13 -25.95 -2.55
N LEU A 298 -3.00 -26.04 -1.85
CA LEU A 298 -2.97 -26.63 -0.52
C LEU A 298 -3.55 -25.71 0.55
N ALA A 299 -3.61 -24.42 0.25
CA ALA A 299 -4.20 -23.43 1.16
C ALA A 299 -5.71 -23.64 1.31
N ARG A 300 -6.38 -23.93 0.19
CA ARG A 300 -7.84 -24.03 0.14
C ARG A 300 -8.41 -25.23 0.90
N SER A 301 -7.72 -26.37 0.84
CA SER A 301 -8.16 -27.58 1.53
C SER A 301 -7.38 -27.81 2.82
N LEU A 302 -7.72 -27.04 3.86
CA LEU A 302 -7.09 -27.16 5.17
C LEU A 302 -7.93 -26.49 6.26
N ASP B 29 8.47 4.68 -18.11
CA ASP B 29 7.56 3.97 -17.14
C ASP B 29 6.10 3.88 -17.59
N ASP B 30 5.65 2.65 -17.86
CA ASP B 30 4.26 2.44 -18.27
C ASP B 30 3.54 1.34 -17.48
N TRP B 31 2.23 1.53 -17.33
CA TRP B 31 1.41 0.69 -16.48
C TRP B 31 0.33 -0.03 -17.27
N GLU B 32 0.53 -0.14 -18.59
CA GLU B 32 -0.40 -0.87 -19.45
C GLU B 32 -0.21 -2.37 -19.30
N ILE B 33 -1.21 -2.99 -18.67
CA ILE B 33 -1.25 -4.42 -18.52
C ILE B 33 -1.59 -5.05 -19.87
N PRO B 34 -0.74 -5.99 -20.35
CA PRO B 34 -1.04 -6.74 -21.56
C PRO B 34 -2.35 -7.53 -21.43
N ASP B 35 -3.07 -7.65 -22.54
CA ASP B 35 -4.40 -8.27 -22.56
C ASP B 35 -4.39 -9.75 -22.20
N GLY B 36 -5.55 -10.24 -21.74
CA GLY B 36 -5.69 -11.63 -21.32
C GLY B 36 -5.25 -11.90 -19.90
N GLN B 37 -4.36 -11.06 -19.38
CA GLN B 37 -3.76 -11.24 -18.04
C GLN B 37 -4.72 -11.05 -16.88
N ILE B 38 -5.65 -10.10 -17.01
CA ILE B 38 -6.64 -9.83 -15.98
C ILE B 38 -7.72 -10.91 -16.01
N THR B 39 -8.22 -11.28 -14.84
CA THR B 39 -9.29 -12.26 -14.74
C THR B 39 -10.47 -11.61 -14.05
N VAL B 40 -11.44 -11.15 -14.85
CA VAL B 40 -12.66 -10.53 -14.34
C VAL B 40 -13.48 -11.58 -13.57
N GLY B 41 -13.86 -11.25 -12.35
CA GLY B 41 -14.61 -12.17 -11.49
C GLY B 41 -16.02 -11.69 -11.18
N GLN B 42 -16.35 -11.64 -9.89
CA GLN B 42 -17.70 -11.28 -9.44
C GLN B 42 -17.96 -9.78 -9.52
N ARG B 43 -19.15 -9.42 -9.98
CA ARG B 43 -19.57 -8.01 -10.08
C ARG B 43 -19.93 -7.41 -8.72
N ILE B 44 -19.47 -6.19 -8.46
CA ILE B 44 -19.68 -5.52 -7.19
C ILE B 44 -20.72 -4.40 -7.26
N GLY B 45 -20.64 -3.56 -8.29
CA GLY B 45 -21.59 -2.45 -8.45
C GLY B 45 -21.61 -1.84 -9.84
N SER B 46 -22.82 -1.59 -10.35
CA SER B 46 -23.01 -0.96 -11.65
C SER B 46 -23.37 0.50 -11.48
N GLY B 47 -22.95 1.34 -12.42
CA GLY B 47 -23.28 2.77 -12.39
C GLY B 47 -23.40 3.39 -13.78
N SER B 48 -23.75 4.67 -13.81
CA SER B 48 -23.85 5.44 -15.05
C SER B 48 -22.51 5.50 -15.77
N PHE B 49 -21.42 5.57 -14.99
CA PHE B 49 -20.05 5.63 -15.52
C PHE B 49 -19.20 4.48 -14.93
N GLY B 50 -19.37 3.29 -15.49
CA GLY B 50 -18.52 2.16 -15.15
C GLY B 50 -19.14 1.06 -14.31
N THR B 51 -18.53 -0.12 -14.39
CA THR B 51 -18.92 -1.28 -13.61
C THR B 51 -17.69 -1.81 -12.87
N VAL B 52 -17.88 -2.21 -11.62
CA VAL B 52 -16.79 -2.63 -10.75
C VAL B 52 -16.88 -4.12 -10.46
N TYR B 53 -15.82 -4.85 -10.80
CA TYR B 53 -15.72 -6.27 -10.52
C TYR B 53 -14.53 -6.59 -9.61
N LYS B 54 -14.68 -7.62 -8.78
CA LYS B 54 -13.53 -8.20 -8.11
C LYS B 54 -12.78 -9.06 -9.12
N GLY B 55 -11.47 -8.91 -9.17
CA GLY B 55 -10.67 -9.60 -10.18
C GLY B 55 -9.45 -10.34 -9.65
N LYS B 56 -8.63 -10.77 -10.60
CA LYS B 56 -7.40 -11.49 -10.31
C LYS B 56 -6.32 -11.00 -11.26
N TRP B 57 -5.30 -10.35 -10.72
CA TRP B 57 -4.12 -9.98 -11.47
C TRP B 57 -2.98 -9.85 -10.48
N HIS B 58 -2.21 -10.92 -10.34
CA HIS B 58 -1.23 -11.08 -9.25
C HIS B 58 -1.96 -10.93 -7.90
N GLY B 59 -2.88 -11.85 -7.65
CA GLY B 59 -3.72 -11.82 -6.44
C GLY B 59 -4.98 -11.01 -6.64
N ASP B 60 -5.79 -10.93 -5.60
CA ASP B 60 -7.03 -10.14 -5.61
C ASP B 60 -6.79 -8.70 -6.06
N VAL B 61 -7.58 -8.26 -7.03
CA VAL B 61 -7.58 -6.86 -7.47
C VAL B 61 -9.01 -6.44 -7.78
N ALA B 62 -9.27 -5.14 -7.77
CA ALA B 62 -10.55 -4.62 -8.21
C ALA B 62 -10.39 -4.04 -9.59
N VAL B 63 -11.35 -4.30 -10.46
CA VAL B 63 -11.33 -3.79 -11.82
C VAL B 63 -12.58 -2.98 -12.11
N LYS B 64 -12.37 -1.75 -12.59
CA LYS B 64 -13.46 -0.88 -13.00
C LYS B 64 -13.40 -0.68 -14.50
N MET B 65 -14.14 -1.51 -15.23
CA MET B 65 -14.33 -1.28 -16.65
C MET B 65 -15.54 -0.41 -16.84
N LEU B 66 -15.48 0.44 -17.86
CA LEU B 66 -16.47 1.50 -18.07
C LEU B 66 -17.33 1.18 -19.31
N ASN B 67 -16.61 0.92 -20.42
CA ASN B 67 -17.12 0.46 -21.72
C ASN B 67 -18.51 -0.19 -21.95
N VAL B 68 -18.55 -1.52 -21.80
CA VAL B 68 -19.50 -2.40 -22.50
C VAL B 68 -19.14 -2.44 -24.00
N THR B 69 -19.52 -1.41 -24.76
CA THR B 69 -19.20 -1.37 -26.20
C THR B 69 -18.22 -0.25 -26.54
N ALA B 70 -18.21 0.14 -27.82
CA ALA B 70 -17.28 1.14 -28.35
C ALA B 70 -17.27 2.42 -27.52
N PRO B 71 -16.06 2.95 -27.22
CA PRO B 71 -15.92 4.11 -26.33
C PRO B 71 -16.15 5.47 -27.00
N THR B 72 -16.89 6.34 -26.31
CA THR B 72 -17.10 7.72 -26.74
C THR B 72 -15.79 8.49 -26.62
N PRO B 73 -15.57 9.48 -27.52
CA PRO B 73 -14.55 10.49 -27.28
C PRO B 73 -14.47 10.92 -25.81
N GLN B 74 -15.62 11.30 -25.24
CA GLN B 74 -15.72 11.69 -23.83
C GLN B 74 -15.26 10.58 -22.88
N GLN B 75 -15.64 9.35 -23.22
CA GLN B 75 -15.32 8.19 -22.39
C GLN B 75 -13.85 7.81 -22.41
N LEU B 76 -13.24 7.85 -23.59
CA LEU B 76 -11.81 7.61 -23.74
C LEU B 76 -11.03 8.73 -23.05
N GLN B 77 -11.57 9.94 -23.11
CA GLN B 77 -10.94 11.08 -22.47
C GLN B 77 -11.05 11.01 -20.95
N ALA B 78 -12.26 10.74 -20.44
CA ALA B 78 -12.49 10.56 -19.01
C ALA B 78 -11.54 9.50 -18.44
N PHE B 79 -11.22 8.50 -19.26
CA PHE B 79 -10.31 7.42 -18.90
C PHE B 79 -8.88 7.94 -18.68
N LYS B 80 -8.36 8.68 -19.65
CA LYS B 80 -7.01 9.26 -19.55
C LYS B 80 -6.83 10.17 -18.34
N ASN B 81 -7.86 10.95 -18.03
CA ASN B 81 -7.85 11.83 -16.86
C ASN B 81 -7.72 11.03 -15.58
N GLU B 82 -8.65 10.11 -15.36
CA GLU B 82 -8.66 9.23 -14.20
C GLU B 82 -7.33 8.50 -14.05
N VAL B 83 -6.89 7.81 -15.09
CA VAL B 83 -5.61 7.10 -15.07
C VAL B 83 -4.49 8.08 -14.75
N GLY B 84 -4.38 9.16 -15.55
CA GLY B 84 -3.35 10.17 -15.38
C GLY B 84 -3.26 10.70 -13.95
N VAL B 85 -4.43 10.93 -13.35
CA VAL B 85 -4.54 11.46 -11.99
C VAL B 85 -4.21 10.39 -10.95
N LEU B 86 -4.63 9.16 -11.19
CA LEU B 86 -4.41 8.07 -10.24
C LEU B 86 -2.94 7.70 -10.10
N ARG B 87 -2.22 7.67 -11.21
CA ARG B 87 -0.80 7.32 -11.18
C ARG B 87 0.09 8.45 -10.62
N LYS B 88 -0.54 9.56 -10.23
CA LYS B 88 0.15 10.64 -9.54
C LYS B 88 0.24 10.37 -8.04
N THR B 89 -0.42 9.30 -7.60
CA THR B 89 -0.53 8.99 -6.18
C THR B 89 0.24 7.73 -5.76
N ARG B 90 1.03 7.86 -4.70
CA ARG B 90 1.69 6.75 -4.03
C ARG B 90 1.64 7.02 -2.53
N HIS B 91 0.57 6.59 -1.88
CA HIS B 91 0.36 6.85 -0.46
C HIS B 91 -0.56 5.78 0.15
N VAL B 92 -0.17 5.29 1.33
CA VAL B 92 -0.87 4.18 1.99
C VAL B 92 -2.36 4.45 2.25
N ASN B 93 -2.73 5.73 2.21
CA ASN B 93 -4.10 6.15 2.49
C ASN B 93 -4.91 6.46 1.25
N ILE B 94 -4.26 6.43 0.10
CA ILE B 94 -4.96 6.52 -1.17
C ILE B 94 -5.00 5.14 -1.83
N LEU B 95 -6.18 4.75 -2.28
CA LEU B 95 -6.39 3.48 -2.99
C LEU B 95 -5.25 3.24 -3.98
N LEU B 96 -4.57 2.11 -3.83
CA LEU B 96 -3.41 1.82 -4.66
C LEU B 96 -3.82 1.49 -6.09
N PHE B 97 -3.36 2.31 -7.02
CA PHE B 97 -3.52 2.06 -8.46
C PHE B 97 -2.45 1.09 -8.93
N MET B 98 -2.86 0.07 -9.68
CA MET B 98 -1.92 -0.97 -10.13
C MET B 98 -1.64 -0.94 -11.63
N GLY B 99 -2.63 -0.52 -12.42
CA GLY B 99 -2.51 -0.51 -13.87
C GLY B 99 -3.84 -0.32 -14.60
N TYR B 100 -3.75 -0.18 -15.91
CA TYR B 100 -4.93 0.01 -16.76
C TYR B 100 -4.87 -0.93 -17.95
N SER B 101 -5.99 -1.05 -18.67
CA SER B 101 -6.04 -1.84 -19.90
C SER B 101 -7.13 -1.29 -20.82
N THR B 102 -6.88 -1.34 -22.12
CA THR B 102 -7.83 -0.86 -23.12
C THR B 102 -8.29 -2.00 -23.99
N LYS B 103 -7.46 -3.03 -24.09
CA LYS B 103 -7.58 -4.06 -25.13
C LYS B 103 -8.90 -4.86 -25.13
N PRO B 104 -9.23 -5.57 -24.03
CA PRO B 104 -10.55 -6.20 -24.06
C PRO B 104 -11.66 -5.15 -23.95
N GLN B 105 -11.36 -4.09 -23.21
CA GLN B 105 -12.20 -2.90 -23.00
C GLN B 105 -11.47 -2.06 -21.95
N LEU B 106 -11.74 -0.75 -21.95
CA LEU B 106 -11.02 0.18 -21.07
C LEU B 106 -11.33 -0.13 -19.61
N ALA B 107 -10.28 -0.38 -18.83
CA ALA B 107 -10.43 -0.80 -17.44
C ALA B 107 -9.26 -0.40 -16.55
N ILE B 108 -9.57 -0.08 -15.30
CA ILE B 108 -8.58 0.33 -14.31
C ILE B 108 -8.49 -0.69 -13.19
N VAL B 109 -7.29 -1.18 -12.95
CA VAL B 109 -7.05 -2.17 -11.91
C VAL B 109 -6.44 -1.50 -10.70
N THR B 110 -7.10 -1.62 -9.56
CA THR B 110 -6.56 -1.14 -8.29
C THR B 110 -6.50 -2.30 -7.34
N GLN B 111 -5.93 -2.08 -6.15
CA GLN B 111 -5.92 -3.08 -5.09
C GLN B 111 -7.35 -3.39 -4.65
N TRP B 112 -7.58 -4.62 -4.20
CA TRP B 112 -8.88 -4.97 -3.64
C TRP B 112 -8.94 -4.55 -2.18
N CYS B 113 -10.08 -4.00 -1.77
CA CYS B 113 -10.23 -3.54 -0.40
C CYS B 113 -11.10 -4.49 0.43
N GLU B 114 -10.55 -4.92 1.56
CA GLU B 114 -11.28 -5.81 2.45
C GLU B 114 -12.06 -5.02 3.49
N GLY B 115 -13.30 -5.42 3.72
CA GLY B 115 -14.18 -4.72 4.65
C GLY B 115 -15.18 -3.85 3.91
N SER B 116 -15.59 -2.75 4.54
CA SER B 116 -16.57 -1.82 3.94
C SER B 116 -16.27 -0.36 4.25
N SER B 117 -16.92 0.55 3.54
CA SER B 117 -16.69 1.99 3.67
C SER B 117 -17.06 2.53 5.04
N LEU B 118 -16.47 3.66 5.41
CA LEU B 118 -16.77 4.34 6.67
C LEU B 118 -18.26 4.61 6.80
N TYR B 119 -18.86 5.08 5.70
CA TYR B 119 -20.31 5.31 5.62
C TYR B 119 -21.10 4.07 6.03
N HIS B 120 -20.77 2.93 5.43
CA HIS B 120 -21.44 1.68 5.73
C HIS B 120 -21.30 1.35 7.21
N HIS B 121 -20.08 1.40 7.72
CA HIS B 121 -19.83 1.14 9.13
C HIS B 121 -20.69 2.00 10.03
N LEU B 122 -20.70 3.30 9.75
CA LEU B 122 -21.37 4.28 10.62
C LEU B 122 -22.89 4.28 10.55
N HIS B 123 -23.44 4.13 9.35
CA HIS B 123 -24.88 4.32 9.14
C HIS B 123 -25.67 3.07 8.78
N ILE B 124 -24.99 2.01 8.35
CA ILE B 124 -25.70 0.79 7.97
C ILE B 124 -25.59 -0.32 9.01
N ILE B 125 -24.37 -0.73 9.35
CA ILE B 125 -24.16 -1.78 10.36
C ILE B 125 -23.83 -1.21 11.74
N GLU B 126 -23.85 0.11 11.83
CA GLU B 126 -23.74 0.83 13.11
C GLU B 126 -22.66 0.27 14.04
N THR B 127 -21.44 0.20 13.50
CA THR B 127 -20.26 -0.23 14.26
C THR B 127 -20.03 0.73 15.42
N LYS B 128 -19.68 0.17 16.58
CA LYS B 128 -19.44 1.00 17.76
C LYS B 128 -17.94 1.25 17.90
N PHE B 129 -17.50 2.41 17.41
CA PHE B 129 -16.09 2.79 17.46
C PHE B 129 -15.75 3.49 18.75
N GLU B 130 -14.61 3.11 19.31
CA GLU B 130 -14.03 3.79 20.46
C GLU B 130 -13.49 5.14 20.03
N MET B 131 -13.30 6.05 20.98
CA MET B 131 -12.87 7.42 20.67
C MET B 131 -11.49 7.47 20.00
N ILE B 132 -10.54 6.71 20.53
CA ILE B 132 -9.18 6.67 19.99
C ILE B 132 -9.20 6.28 18.52
N LYS B 133 -10.08 5.33 18.20
CA LYS B 133 -10.22 4.78 16.85
C LYS B 133 -10.81 5.78 15.86
N LEU B 134 -11.80 6.55 16.32
CA LEU B 134 -12.42 7.58 15.49
C LEU B 134 -11.39 8.64 15.10
N ILE B 135 -10.65 9.09 16.10
CA ILE B 135 -9.58 10.06 15.90
C ILE B 135 -8.52 9.51 14.93
N ASP B 136 -8.15 8.25 15.12
CA ASP B 136 -7.20 7.58 14.25
C ASP B 136 -7.68 7.54 12.79
N ILE B 137 -8.97 7.22 12.60
CA ILE B 137 -9.57 7.25 11.27
C ILE B 137 -9.45 8.66 10.68
N ALA B 138 -9.77 9.66 11.50
CA ALA B 138 -9.66 11.06 11.10
C ALA B 138 -8.25 11.44 10.70
N ARG B 139 -7.26 10.98 11.47
CA ARG B 139 -5.85 11.26 11.19
C ARG B 139 -5.43 10.68 9.85
N GLN B 140 -5.83 9.44 9.60
CA GLN B 140 -5.48 8.74 8.36
C GLN B 140 -6.14 9.42 7.15
N THR B 141 -7.41 9.80 7.31
CA THR B 141 -8.14 10.50 6.27
C THR B 141 -7.46 11.82 5.93
N ALA B 142 -7.09 12.58 6.95
CA ALA B 142 -6.39 13.84 6.78
C ALA B 142 -4.99 13.62 6.20
N GLN B 143 -4.34 12.54 6.60
CA GLN B 143 -3.06 12.15 6.01
C GLN B 143 -3.22 11.93 4.52
N GLY B 144 -4.22 11.14 4.15
CA GLY B 144 -4.54 10.88 2.76
C GLY B 144 -4.80 12.17 2.01
N MET B 145 -5.73 12.97 2.52
CA MET B 145 -6.10 14.23 1.91
C MET B 145 -4.90 15.16 1.75
N ASP B 146 -4.17 15.38 2.84
CA ASP B 146 -2.98 16.23 2.83
C ASP B 146 -2.10 15.93 1.62
N TYR B 147 -1.87 14.63 1.38
CA TYR B 147 -1.10 14.15 0.25
C TYR B 147 -1.71 14.58 -1.08
N LEU B 148 -3.01 14.34 -1.25
CA LEU B 148 -3.70 14.67 -2.49
C LEU B 148 -3.52 16.13 -2.89
N HIS B 149 -3.71 17.03 -1.91
CA HIS B 149 -3.59 18.46 -2.12
C HIS B 149 -2.15 18.88 -2.39
N ALA B 150 -1.20 18.22 -1.73
CA ALA B 150 0.21 18.42 -2.00
C ALA B 150 0.48 18.09 -3.46
N LYS B 151 -0.12 17.00 -3.93
CA LYS B 151 0.03 16.58 -5.31
C LYS B 151 -0.85 17.39 -6.28
N SER B 152 -1.52 18.40 -5.73
CA SER B 152 -2.40 19.30 -6.50
C SER B 152 -3.61 18.58 -7.09
N ILE B 153 -4.17 17.64 -6.33
CA ILE B 153 -5.40 16.96 -6.70
C ILE B 153 -6.51 17.38 -5.75
N ILE B 154 -7.53 18.04 -6.30
CA ILE B 154 -8.73 18.34 -5.53
C ILE B 154 -9.66 17.15 -5.70
N HIS B 155 -10.18 16.62 -4.59
CA HIS B 155 -11.00 15.42 -4.66
C HIS B 155 -12.32 15.61 -5.40
N ARG B 156 -13.01 16.72 -5.09
CA ARG B 156 -14.33 17.06 -5.65
C ARG B 156 -15.53 16.30 -5.04
N ASP B 157 -15.30 15.13 -4.43
CA ASP B 157 -16.37 14.34 -3.84
C ASP B 157 -15.92 13.54 -2.62
N LEU B 158 -15.45 14.24 -1.59
CA LEU B 158 -15.07 13.57 -0.36
C LEU B 158 -16.29 13.28 0.52
N LYS B 159 -16.43 12.02 0.91
CA LYS B 159 -17.49 11.57 1.82
C LYS B 159 -17.13 10.24 2.47
N SER B 160 -17.81 9.90 3.57
CA SER B 160 -17.54 8.69 4.34
C SER B 160 -17.68 7.42 3.51
N ASN B 161 -18.35 7.56 2.37
CA ASN B 161 -18.53 6.45 1.44
C ASN B 161 -17.31 6.25 0.55
N ASN B 162 -16.45 7.26 0.52
CA ASN B 162 -15.17 7.19 -0.20
C ASN B 162 -13.97 7.01 0.73
N ILE B 163 -14.25 6.80 2.01
CA ILE B 163 -13.24 6.42 2.97
C ILE B 163 -13.50 4.95 3.23
N PHE B 164 -12.51 4.11 2.94
CA PHE B 164 -12.63 2.67 3.14
C PHE B 164 -11.78 2.20 4.31
N LEU B 165 -12.35 1.35 5.16
CA LEU B 165 -11.59 0.74 6.24
C LEU B 165 -11.05 -0.62 5.83
N HIS B 166 -9.90 -0.60 5.16
CA HIS B 166 -9.21 -1.79 4.70
C HIS B 166 -8.73 -2.61 5.90
N GLU B 167 -9.14 -3.88 5.94
CA GLU B 167 -8.92 -4.75 7.10
C GLU B 167 -9.32 -4.08 8.42
N ASP B 168 -10.38 -3.27 8.34
CA ASP B 168 -10.94 -2.55 9.49
C ASP B 168 -9.99 -1.55 10.20
N LEU B 169 -8.76 -1.39 9.70
CA LEU B 169 -7.84 -0.48 10.36
C LEU B 169 -7.20 0.62 9.51
N THR B 170 -6.83 0.32 8.27
CA THR B 170 -6.18 1.31 7.41
C THR B 170 -7.17 2.04 6.50
N VAL B 171 -7.14 3.38 6.55
CA VAL B 171 -7.97 4.21 5.70
C VAL B 171 -7.47 4.22 4.26
N LYS B 172 -8.36 3.93 3.33
CA LYS B 172 -8.05 4.00 1.90
C LYS B 172 -9.05 4.93 1.21
N ILE B 173 -8.63 6.16 0.96
CA ILE B 173 -9.45 7.12 0.23
C ILE B 173 -9.42 6.81 -1.25
N GLY B 174 -10.58 6.77 -1.87
CA GLY B 174 -10.69 6.62 -3.31
C GLY B 174 -11.92 7.37 -3.76
N ASP B 175 -12.29 7.20 -5.02
CA ASP B 175 -13.56 7.68 -5.51
C ASP B 175 -14.32 6.48 -6.06
N PHE B 176 -15.21 5.93 -5.24
CA PHE B 176 -15.93 4.71 -5.57
C PHE B 176 -17.26 4.99 -6.27
N GLY B 177 -17.61 6.27 -6.36
CA GLY B 177 -18.84 6.69 -7.03
C GLY B 177 -18.90 6.24 -8.48
N LEU B 178 -20.10 5.98 -8.97
CA LEU B 178 -20.27 5.52 -10.34
C LEU B 178 -21.26 6.35 -11.14
N ALA B 179 -22.01 7.20 -10.43
CA ALA B 179 -22.94 8.13 -11.07
C ALA B 179 -22.18 9.26 -11.74
N THR B 180 -21.14 9.73 -11.05
CA THR B 180 -20.28 10.83 -11.53
C THR B 180 -19.33 10.38 -12.65
N GLU B 181 -19.04 11.29 -13.57
CA GLU B 181 -17.98 11.05 -14.57
C GLU B 181 -16.64 11.27 -13.89
N LYS B 182 -15.63 10.55 -14.33
CA LYS B 182 -14.28 10.67 -13.77
C LYS B 182 -13.21 10.58 -14.84
N GLY B 196 -25.70 14.43 -7.21
CA GLY B 196 -25.15 13.36 -6.37
C GLY B 196 -25.48 13.52 -4.89
N SER B 197 -24.46 13.35 -4.05
CA SER B 197 -24.57 13.45 -2.58
C SER B 197 -24.29 14.84 -2.04
N ILE B 198 -25.24 15.34 -1.26
CA ILE B 198 -25.37 16.77 -1.01
C ILE B 198 -24.81 17.27 0.31
N LEU B 199 -24.84 16.40 1.32
CA LEU B 199 -24.51 16.78 2.69
C LEU B 199 -23.05 17.22 2.86
N TRP B 200 -22.18 16.73 1.98
CA TRP B 200 -20.75 17.00 2.05
C TRP B 200 -20.28 18.21 1.22
N MET B 201 -21.23 18.89 0.56
CA MET B 201 -20.89 20.08 -0.22
C MET B 201 -20.93 21.35 0.62
N ALA B 202 -19.88 22.15 0.47
CA ALA B 202 -19.79 23.46 1.09
C ALA B 202 -20.78 24.42 0.45
N PRO B 203 -21.21 25.45 1.20
CA PRO B 203 -22.16 26.45 0.69
C PRO B 203 -21.85 26.98 -0.71
N GLU B 204 -20.58 27.25 -1.00
CA GLU B 204 -20.19 27.82 -2.30
C GLU B 204 -20.28 26.79 -3.45
N VAL B 205 -20.28 25.52 -3.07
CA VAL B 205 -20.44 24.42 -4.02
C VAL B 205 -21.93 24.08 -4.18
N ILE B 206 -22.65 23.97 -3.07
CA ILE B 206 -24.10 23.72 -3.11
C ILE B 206 -24.85 24.81 -3.87
N ARG B 207 -24.37 26.05 -3.75
CA ARG B 207 -24.85 27.15 -4.57
C ARG B 207 -24.38 26.90 -6.01
N MET B 208 -24.47 27.92 -6.86
CA MET B 208 -23.88 27.85 -8.20
C MET B 208 -23.07 29.14 -8.35
N GLN B 209 -21.77 28.98 -8.55
CA GLN B 209 -20.91 30.14 -8.77
C GLN B 209 -20.50 30.15 -10.25
N ASP B 210 -19.32 30.70 -10.53
CA ASP B 210 -18.69 30.58 -11.85
C ASP B 210 -18.34 29.11 -12.14
N LYS B 211 -17.97 28.85 -13.40
CA LYS B 211 -17.54 27.52 -13.89
C LYS B 211 -16.93 26.57 -12.84
N ASN B 212 -16.10 27.10 -11.94
CA ASN B 212 -15.38 26.25 -10.97
C ASN B 212 -15.38 26.75 -9.52
N PRO B 213 -16.23 26.14 -8.67
CA PRO B 213 -16.28 26.45 -7.24
C PRO B 213 -15.34 25.60 -6.39
N TYR B 214 -14.87 24.49 -6.93
CA TYR B 214 -14.07 23.52 -6.19
C TYR B 214 -12.68 24.04 -5.87
N SER B 215 -12.32 23.96 -4.60
CA SER B 215 -10.99 24.39 -4.14
C SER B 215 -10.49 23.42 -3.08
N PHE B 216 -9.23 23.57 -2.66
CA PHE B 216 -8.72 22.79 -1.53
C PHE B 216 -9.69 22.90 -0.37
N GLN B 217 -10.23 24.11 -0.20
CA GLN B 217 -11.15 24.41 0.90
C GLN B 217 -12.48 23.68 0.78
N SER B 218 -12.99 23.54 -0.44
CA SER B 218 -14.25 22.81 -0.65
C SER B 218 -14.11 21.36 -0.20
N ASP B 219 -12.90 20.83 -0.31
CA ASP B 219 -12.55 19.51 0.18
C ASP B 219 -12.49 19.49 1.70
N VAL B 220 -11.96 20.57 2.28
CA VAL B 220 -11.86 20.69 3.73
C VAL B 220 -13.25 20.68 4.41
N TYR B 221 -14.20 21.42 3.86
CA TYR B 221 -15.56 21.40 4.38
C TYR B 221 -16.10 19.97 4.38
N ALA B 222 -15.88 19.26 3.27
CA ALA B 222 -16.31 17.87 3.14
C ALA B 222 -15.70 17.01 4.23
N PHE B 223 -14.42 17.23 4.52
CA PHE B 223 -13.75 16.57 5.64
C PHE B 223 -14.40 16.92 6.97
N GLY B 224 -14.87 18.17 7.08
CA GLY B 224 -15.57 18.65 8.26
C GLY B 224 -16.81 17.83 8.60
N ILE B 225 -17.64 17.58 7.58
CA ILE B 225 -18.83 16.77 7.74
C ILE B 225 -18.48 15.34 8.13
N VAL B 226 -17.41 14.81 7.52
CA VAL B 226 -16.91 13.48 7.87
C VAL B 226 -16.57 13.42 9.36
N LEU B 227 -15.86 14.44 9.85
CA LEU B 227 -15.57 14.55 11.29
C LEU B 227 -16.84 14.53 12.11
N TYR B 228 -17.83 15.32 11.67
CA TYR B 228 -19.16 15.36 12.28
C TYR B 228 -19.74 13.95 12.36
N GLU B 229 -19.71 13.22 11.25
CA GLU B 229 -20.16 11.83 11.23
C GLU B 229 -19.45 11.01 12.30
N LEU B 230 -18.13 11.17 12.37
CA LEU B 230 -17.31 10.42 13.32
C LEU B 230 -17.69 10.74 14.76
N MET B 231 -17.96 12.01 15.03
CA MET B 231 -18.24 12.48 16.39
C MET B 231 -19.70 12.38 16.82
N THR B 232 -20.59 12.20 15.86
CA THR B 232 -22.00 12.08 16.17
C THR B 232 -22.54 10.70 15.80
N GLY B 233 -21.74 9.93 15.09
CA GLY B 233 -22.18 8.64 14.56
C GLY B 233 -23.46 8.83 13.76
N GLN B 234 -23.63 10.04 13.24
CA GLN B 234 -24.86 10.46 12.61
C GLN B 234 -24.58 11.30 11.38
N LEU B 235 -25.53 11.28 10.43
CA LEU B 235 -25.52 12.22 9.33
C LEU B 235 -26.01 13.60 9.80
N PRO B 236 -25.59 14.68 9.11
CA PRO B 236 -26.11 16.00 9.44
C PRO B 236 -27.56 16.19 8.99
N TYR B 237 -28.23 17.17 9.59
CA TYR B 237 -29.58 17.60 9.20
C TYR B 237 -30.62 16.46 9.24
N SER B 238 -30.34 15.44 10.04
CA SER B 238 -31.20 14.26 10.12
C SER B 238 -32.68 14.60 10.30
N ASN B 239 -32.97 15.66 11.05
CA ASN B 239 -34.35 16.04 11.37
C ASN B 239 -35.09 16.76 10.24
N ILE B 240 -34.48 16.82 9.06
CA ILE B 240 -35.10 17.41 7.89
C ILE B 240 -35.28 16.35 6.81
N ASN B 241 -36.53 16.15 6.39
CA ASN B 241 -36.85 15.14 5.39
C ASN B 241 -37.06 15.71 3.99
N ASN B 242 -36.45 16.86 3.71
CA ASN B 242 -36.60 17.49 2.39
C ASN B 242 -35.27 17.90 1.77
N ARG B 243 -34.87 17.16 0.73
CA ARG B 243 -33.57 17.34 0.08
C ARG B 243 -33.43 18.75 -0.48
N ASP B 244 -34.42 19.20 -1.25
CA ASP B 244 -34.40 20.53 -1.87
C ASP B 244 -34.24 21.62 -0.83
N GLN B 245 -34.87 21.45 0.32
CA GLN B 245 -34.75 22.39 1.44
C GLN B 245 -33.31 22.44 1.96
N ILE B 246 -32.70 21.26 2.12
CA ILE B 246 -31.34 21.18 2.63
C ILE B 246 -30.38 21.89 1.69
N ILE B 247 -30.53 21.66 0.38
CA ILE B 247 -29.74 22.36 -0.64
C ILE B 247 -29.89 23.87 -0.49
N PHE B 248 -31.11 24.36 -0.70
CA PHE B 248 -31.39 25.79 -0.62
C PHE B 248 -30.85 26.43 0.65
N MET B 249 -31.08 25.79 1.79
CA MET B 249 -30.75 26.38 3.08
C MET B 249 -29.26 26.40 3.41
N VAL B 250 -28.55 25.31 3.11
CA VAL B 250 -27.11 25.24 3.39
C VAL B 250 -26.37 26.26 2.53
N GLY B 251 -26.78 26.37 1.26
CA GLY B 251 -26.15 27.28 0.29
C GLY B 251 -26.42 28.76 0.50
N ARG B 252 -27.43 29.07 1.30
CA ARG B 252 -27.75 30.45 1.65
C ARG B 252 -27.21 30.83 3.03
N GLY B 253 -26.51 29.89 3.67
CA GLY B 253 -25.94 30.12 4.99
C GLY B 253 -26.96 30.06 6.11
N TYR B 254 -28.18 29.64 5.77
CA TYR B 254 -29.27 29.54 6.74
C TYR B 254 -29.13 28.30 7.63
N LEU B 255 -28.68 27.19 7.04
CA LEU B 255 -28.52 25.92 7.74
C LEU B 255 -27.06 25.54 7.85
N SER B 256 -26.68 24.97 8.98
CA SER B 256 -25.35 24.41 9.18
C SER B 256 -25.41 23.22 10.13
N PRO B 257 -24.35 22.36 10.15
CA PRO B 257 -24.31 21.22 11.05
C PRO B 257 -24.45 21.60 12.52
N ASP B 258 -25.34 20.89 13.23
CA ASP B 258 -25.59 21.12 14.64
C ASP B 258 -24.44 20.56 15.48
N LEU B 259 -23.48 21.42 15.80
CA LEU B 259 -22.22 20.99 16.39
C LEU B 259 -22.31 20.50 17.84
N SER B 260 -23.46 20.72 18.47
CA SER B 260 -23.68 20.30 19.86
C SER B 260 -24.16 18.86 19.94
N LYS B 261 -24.10 18.15 18.83
CA LYS B 261 -24.53 16.75 18.77
C LYS B 261 -23.39 15.79 19.07
N VAL B 262 -22.17 16.32 19.13
CA VAL B 262 -20.97 15.53 19.37
C VAL B 262 -21.02 14.84 20.74
N ARG B 263 -20.49 13.62 20.80
CA ARG B 263 -20.39 12.87 22.05
C ARG B 263 -19.64 13.71 23.09
N SER B 264 -19.95 13.50 24.36
CA SER B 264 -19.30 14.27 25.43
C SER B 264 -17.81 13.95 25.58
N ASN B 265 -17.42 12.71 25.31
CA ASN B 265 -16.02 12.29 25.38
C ASN B 265 -15.18 12.72 24.16
N CYS B 266 -15.79 13.50 23.28
CA CYS B 266 -15.07 14.06 22.14
C CYS B 266 -14.22 15.23 22.61
N PRO B 267 -12.90 15.18 22.32
CA PRO B 267 -11.94 16.22 22.67
C PRO B 267 -12.36 17.65 22.27
N LYS B 268 -11.85 18.63 23.01
CA LYS B 268 -12.09 20.06 22.75
C LYS B 268 -11.50 20.51 21.41
N ALA B 269 -10.17 20.36 21.27
CA ALA B 269 -9.44 20.78 20.09
C ALA B 269 -10.11 20.26 18.82
N MET B 270 -10.57 19.01 18.89
CA MET B 270 -11.29 18.36 17.80
C MET B 270 -12.54 19.14 17.39
N LYS B 271 -13.43 19.37 18.35
CA LYS B 271 -14.66 20.13 18.11
C LYS B 271 -14.33 21.48 17.48
N ARG B 272 -13.33 22.16 18.02
CA ARG B 272 -12.84 23.44 17.51
C ARG B 272 -12.43 23.34 16.04
N LEU B 273 -11.64 22.31 15.73
CA LEU B 273 -11.16 22.05 14.38
C LEU B 273 -12.31 21.74 13.42
N MET B 274 -13.30 21.00 13.91
CA MET B 274 -14.49 20.69 13.16
C MET B 274 -15.17 21.97 12.66
N ALA B 275 -15.50 22.85 13.61
CA ALA B 275 -16.10 24.14 13.31
C ALA B 275 -15.21 24.98 12.40
N GLU B 276 -13.90 24.82 12.55
CA GLU B 276 -12.91 25.46 11.69
C GLU B 276 -13.09 25.00 10.25
N CYS B 277 -13.25 23.70 10.08
CA CYS B 277 -13.39 23.08 8.75
C CYS B 277 -14.73 23.39 8.11
N LEU B 278 -15.71 23.76 8.92
CA LEU B 278 -17.09 23.92 8.45
C LEU B 278 -17.54 25.37 8.25
N LYS B 279 -16.61 26.31 8.33
CA LYS B 279 -16.95 27.74 8.24
C LYS B 279 -17.57 28.10 6.89
N LYS B 280 -18.66 28.87 6.93
CA LYS B 280 -19.38 29.28 5.73
C LYS B 280 -18.49 30.10 4.80
N LYS B 281 -17.56 30.86 5.38
CA LYS B 281 -16.60 31.62 4.60
C LYS B 281 -15.49 30.72 4.09
N ARG B 282 -15.38 30.65 2.76
CA ARG B 282 -14.47 29.72 2.10
C ARG B 282 -13.03 29.89 2.56
N ASP B 283 -12.60 31.15 2.65
CA ASP B 283 -11.19 31.49 2.87
C ASP B 283 -10.79 31.53 4.35
N GLU B 284 -11.67 31.06 5.22
CA GLU B 284 -11.39 31.03 6.65
C GLU B 284 -11.16 29.62 7.16
N ARG B 285 -11.32 28.65 6.26
CA ARG B 285 -11.11 27.25 6.60
C ARG B 285 -9.61 26.94 6.58
N PRO B 286 -9.14 26.09 7.51
CA PRO B 286 -7.72 25.72 7.53
C PRO B 286 -7.37 24.78 6.39
N LEU B 287 -6.10 24.72 6.02
CA LEU B 287 -5.65 23.79 4.99
C LEU B 287 -5.13 22.52 5.63
N PHE B 288 -5.00 21.46 4.84
CA PHE B 288 -4.71 20.13 5.39
C PHE B 288 -3.39 19.93 6.14
N PRO B 289 -2.27 20.53 5.65
CA PRO B 289 -1.03 20.43 6.43
C PRO B 289 -1.24 20.90 7.86
N GLN B 290 -2.07 21.92 8.02
CA GLN B 290 -2.43 22.48 9.31
C GLN B 290 -3.39 21.56 10.07
N ILE B 291 -4.37 20.98 9.36
CA ILE B 291 -5.37 20.09 9.96
C ILE B 291 -4.74 18.81 10.49
N LEU B 292 -3.90 18.19 9.66
CA LEU B 292 -3.16 17.01 10.06
C LEU B 292 -2.28 17.31 11.27
N ALA B 293 -1.64 18.48 11.26
CA ALA B 293 -0.78 18.92 12.36
C ALA B 293 -1.54 19.01 13.68
N SER B 294 -2.74 19.57 13.62
CA SER B 294 -3.53 19.79 14.83
C SER B 294 -4.24 18.53 15.31
N ILE B 295 -4.41 17.56 14.42
CA ILE B 295 -4.97 16.26 14.83
C ILE B 295 -3.93 15.43 15.54
N GLU B 296 -2.73 15.36 14.97
CA GLU B 296 -1.60 14.61 15.54
C GLU B 296 -1.27 15.03 16.98
N LEU B 297 -1.33 16.34 17.22
CA LEU B 297 -1.13 16.90 18.56
C LEU B 297 -2.08 16.25 19.55
N LEU B 298 -3.38 16.30 19.23
CA LEU B 298 -4.42 15.83 20.14
C LEU B 298 -4.52 14.30 20.21
N ALA B 299 -3.88 13.62 19.27
CA ALA B 299 -3.82 12.18 19.26
C ALA B 299 -2.94 11.68 20.40
N ARG B 300 -1.73 12.24 20.50
CA ARG B 300 -0.74 11.85 21.51
C ARG B 300 -1.26 11.96 22.93
N SER B 301 -1.71 13.16 23.30
CA SER B 301 -2.20 13.40 24.67
C SER B 301 -3.58 12.77 24.91
N LEU B 302 -3.67 11.47 24.66
CA LEU B 302 -4.88 10.69 24.88
C LEU B 302 -4.58 9.19 24.85
C1 B1E C . 12.41 0.27 6.78
C2 B1E C . 11.08 0.51 6.37
C3 B1E C . 10.81 0.84 5.03
C4 B1E C . 11.87 0.92 4.10
C5 B1E C . 13.21 0.70 4.51
C6 B1E C . 13.48 0.37 5.85
C7 B1E C . 12.67 -0.07 8.22
N8 B1E C . 11.56 -0.13 9.02
C9 B1E C . 10.30 0.11 8.54
N10 B1E C . 10.02 0.42 7.30
O11 B1E C . 13.82 -0.28 8.61
N12 B1E C . 14.21 0.80 3.60
C13 B1E C . 14.26 1.25 2.33
C14 B1E C . 14.03 2.62 2.03
C15 B1E C . 14.06 3.07 0.70
C16 B1E C . 14.33 2.16 -0.35
C17 B1E C . 14.56 0.80 -0.06
C18 B1E C . 14.52 0.34 1.27
C19 B1E C . 13.72 3.64 3.12
N20 B1E C . 14.82 -0.08 -1.15
C21 B1E C . 14.29 -1.30 -1.45
C22 B1E C . 14.77 -1.95 -2.72
O23 B1E C . 13.45 -1.88 -0.75
C24 B1E C . 13.94 -2.88 -3.37
C25 B1E C . 14.36 -3.50 -4.57
C26 B1E C . 15.64 -3.17 -5.10
C27 B1E C . 16.47 -2.23 -4.45
C28 B1E C . 16.03 -1.62 -3.25
C29 B1E C . 13.44 -4.51 -5.26
C30 B1E C . 12.77 -5.32 -4.21
C31 B1E C . 12.32 -3.84 -6.06
C32 B1E C . 14.19 -5.49 -6.18
C33 B1E C . 11.71 -0.46 10.45
N34 B1E C . 12.26 -5.94 -3.38
C1 B1E D . -13.91 -1.43 -4.52
C2 B1E D . -12.58 -1.84 -4.24
C3 B1E D . -11.51 -1.25 -4.95
C4 B1E D . -11.77 -0.27 -5.92
C5 B1E D . -13.10 0.13 -6.21
C6 B1E D . -14.18 -0.45 -5.50
C7 B1E D . -15.03 -2.06 -3.75
N8 B1E D . -14.65 -3.01 -2.82
C9 B1E D . -13.33 -3.33 -2.62
N10 B1E D . -12.34 -2.81 -3.27
O11 B1E D . -16.20 -1.72 -3.98
N12 B1E D . -13.34 1.07 -7.16
C13 B1E D . -12.53 1.65 -8.07
C14 B1E D . -11.92 0.88 -9.08
C15 B1E D . -11.09 1.50 -10.04
C16 B1E D . -10.86 2.88 -9.99
C17 B1E D . -11.47 3.66 -8.98
C18 B1E D . -12.30 3.04 -8.03
C19 B1E D . -12.14 -0.64 -9.18
N20 B1E D . -11.21 5.06 -8.98
C21 B1E D . -10.78 5.90 -7.99
C22 B1E D . -10.61 7.34 -8.36
O23 B1E D . -10.55 5.52 -6.83
C24 B1E D . -9.91 8.20 -7.49
C25 B1E D . -9.72 9.56 -7.83
C26 B1E D . -10.24 10.07 -9.03
C27 B1E D . -10.95 9.21 -9.90
C28 B1E D . -11.13 7.85 -9.57
C29 B1E D . -8.95 10.44 -6.84
C30 B1E D . -9.25 9.94 -5.49
C31 B1E D . -7.43 10.35 -6.99
C32 B1E D . -9.39 11.92 -6.86
C33 B1E D . -15.66 -3.69 -2.00
N34 B1E D . -9.49 9.55 -4.41
#